data_1AXV
#
_entry.id   1AXV
#
_cell.length_a   1.000
_cell.length_b   1.000
_cell.length_c   1.000
_cell.angle_alpha   90.00
_cell.angle_beta   90.00
_cell.angle_gamma   90.00
#
_symmetry.space_group_name_H-M   'P 1'
#
loop_
_entity.id
_entity.type
_entity.pdbx_description
1 polymer 'DNA DUPLEX D(CTCTC-[BP]A-CTTCC)D(GGAAGTGAGAG)'
2 polymer 'DNA DUPLEX D(CTCTC-[BP]A-CTTCC)D(GGAAGTGAGAG)'
3 non-polymer 1,2,3-TRIHYDROXY-1,2,3,4-TETRAHYDROBENZO[A]PYRENE
#
loop_
_entity_poly.entity_id
_entity_poly.type
_entity_poly.pdbx_seq_one_letter_code
_entity_poly.pdbx_strand_id
1 'polydeoxyribonucleotide' (DC)(DT)(DC)(DT)(DC)(DA)(DC)(DT)(DT)(DC)(DC) A
2 'polydeoxyribonucleotide' (DG)(DG)(DA)(DA)(DG)(DT)(DG)(DA)(DG)(DA)(DG) B
#
loop_
_chem_comp.id
_chem_comp.type
_chem_comp.name
_chem_comp.formula
BAP non-polymer 1,2,3-TRIHYDROXY-1,2,3,4-TETRAHYDROBENZO[A]PYRENE 'C20 H16 O3'
DA DNA linking 2'-DEOXYADENOSINE-5'-MONOPHOSPHATE 'C10 H14 N5 O6 P'
DC DNA linking 2'-DEOXYCYTIDINE-5'-MONOPHOSPHATE 'C9 H14 N3 O7 P'
DG DNA linking 2'-DEOXYGUANOSINE-5'-MONOPHOSPHATE 'C10 H14 N5 O7 P'
DT DNA linking THYMIDINE-5'-MONOPHOSPHATE 'C10 H15 N2 O8 P'
#
# COMPACT_ATOMS: atom_id res chain seq x y z
C1 BAP C . -3.71 -0.33 -3.11
C2 BAP C . -3.98 -1.64 -3.07
C3 BAP C . -3.30 -2.46 -2.24
C3A BAP C . -2.25 -1.98 -1.38
C4 BAP C . -1.54 -2.85 -0.52
C5 BAP C . -0.49 -2.31 0.35
C5A BAP C . -0.18 -0.88 0.29
C6 BAP C . 0.87 -0.25 1.13
C7 BAP C . 1.11 1.19 1.02
C8 BAP C . 0.33 1.96 0.11
C8A BAP C . -0.68 1.37 -0.69
C9 BAP C . -1.45 2.20 -1.60
C10 BAP C . -2.47 1.58 -2.41
C1A BAP C . -2.71 0.23 -2.31
C3B BAP C . -1.95 -0.59 -1.43
C5B BAP C . -0.94 -0.03 -0.61
C1' BAP C . 2.55 1.71 1.20
O1' BAP C . 2.50 3.12 1.47
C2' BAP C . 3.35 0.96 2.34
O2' BAP C . 4.60 0.44 1.85
C3' BAP C . 2.47 -0.10 3.04
O3' BAP C . 3.10 -0.78 4.13
C4' BAP C . 1.77 -1.09 2.05
H1 BAP C . -4.27 0.19 -3.76
H2 BAP C . -4.72 -2.04 -3.61
H3 BAP C . -3.65 -3.38 -2.38
H4 BAP C . -1.79 -3.83 -0.52
H5 BAP C . 0.01 -2.93 0.96
H8 BAP C . 0.49 2.95 0.03
H9 BAP C . -1.26 3.18 -1.66
H10 BAP C . -3.08 2.01 -3.09
H1' BAP C . 2.99 1.63 0.21
HO1 BAP C . 3.33 3.51 1.17
H2' BAP C . 3.61 1.67 3.13
HO2 BAP C . 5.29 0.71 2.47
H3' BAP C . 1.67 0.46 3.52
HO3 BAP C . 3.36 -1.65 3.80
H4'2 BAP C . 1.22 -1.78 2.69
C1 BAP C . -3.70 -0.40 -2.96
C2 BAP C . -3.91 -1.73 -3.02
C3 BAP C . -3.16 -2.57 -2.27
C3A BAP C . -2.13 -2.11 -1.39
C4 BAP C . -1.36 -3.01 -0.60
C5 BAP C . -0.33 -2.48 0.28
C5A BAP C . -0.10 -1.04 0.36
C6 BAP C . 0.93 -0.47 1.24
C7 BAP C . 1.13 0.98 1.27
C8 BAP C . 0.27 1.83 0.44
C8A BAP C . -0.73 1.26 -0.41
C9 BAP C . -1.56 2.11 -1.25
C10 BAP C . -2.57 1.52 -2.11
C1A BAP C . -2.72 0.15 -2.12
C3B BAP C . -1.92 -0.71 -1.31
C5B BAP C . -0.91 -0.16 -0.45
C1' BAP C . 2.52 1.54 1.59
O1' BAP C . 2.30 2.63 2.48
C2' BAP C . 3.56 0.57 2.26
O2' BAP C . 4.67 0.37 1.36
C3' BAP C . 2.96 -0.74 2.75
O3' BAP C . 3.96 -1.69 3.15
C4' BAP C . 2.02 -1.39 1.77
H1 BAP C . -4.30 0.14 -3.54
H2 BAP C . -4.63 -2.12 -3.59
H3 BAP C . -3.47 -3.50 -2.51
H4 BAP C . -1.55 -3.99 -0.68
H5 BAP C . 0.21 -3.10 0.85
H8 BAP C . 0.37 2.82 0.46
H9 BAP C . -1.44 3.10 -1.22
H10 BAP C . -3.20 1.98 -2.73
H1' BAP C . 2.91 1.90 0.64
HO1 BAP C . 2.04 3.38 1.94
H2' BAP C . 3.96 0.96 3.20
HO2 BAP C . 5.09 1.23 1.26
H3' BAP C . 2.39 -0.49 3.65
HO3 BAP C . 4.80 -1.42 2.78
H4'2 BAP C . 1.60 -2.13 2.45
C1 BAP C . -3.45 0.23 -3.57
C2 BAP C . -3.81 -1.05 -3.72
C3 BAP C . -3.27 -2.03 -2.94
C3A BAP C . -2.31 -1.72 -1.92
C4 BAP C . -1.73 -2.74 -1.10
C5 BAP C . -0.75 -2.38 -0.09
C5A BAP C . -0.36 -0.99 0.08
C6 BAP C . 0.63 -0.59 1.10
C7 BAP C . 0.98 0.83 1.22
C8 BAP C . 0.35 1.79 0.35
C8A BAP C . -0.61 1.39 -0.62
C9 BAP C . -1.22 2.38 -1.49
C10 BAP C . -2.19 1.95 -2.49
C1A BAP C . -2.51 0.61 -2.60
C3B BAP C . -1.91 -0.37 -1.75
C5B BAP C . -0.96 0.01 -0.76
C1' BAP C . 2.31 1.23 1.81
O1' BAP C . 2.15 2.59 2.30
C2' BAP C . 2.86 0.30 2.90
O2' BAP C . 4.29 0.49 3.00
C3' BAP C . 2.50 -1.20 2.81
O3' BAP C . 3.68 -2.03 2.76
C4' BAP C . 1.49 -1.67 1.72
H1 BAP C . -3.90 0.88 -4.18
H2 BAP C . -4.48 -1.31 -4.41
H3 BAP C . -3.67 -2.89 -3.23
H4 BAP C . -2.02 -3.69 -1.26
H5 BAP C . -0.36 -3.08 0.49
H8 BAP C . 0.61 2.76 0.44
H9 BAP C . -0.95 3.34 -1.38
H10 BAP C . -2.69 2.50 -3.17
H1' BAP C . 2.99 1.33 0.96
HO1 BAP C . 1.88 2.55 3.22
H2' BAP C . 2.45 0.66 3.84
HO2 BAP C . 4.58 0.90 2.19
H3' BAP C . 2.03 -1.44 3.76
HO3 BAP C . 4.43 -1.49 2.98
H4'2 BAP C . 0.82 -2.33 2.29
C1 BAP C . -3.66 0.61 -3.28
C2 BAP C . -4.03 -0.67 -3.41
C3 BAP C . -3.46 -1.63 -2.64
C3A BAP C . -2.44 -1.34 -1.68
C4 BAP C . -1.84 -2.37 -0.88
C5 BAP C . -0.81 -2.00 0.08
C5A BAP C . -0.38 -0.62 0.22
C6 BAP C . 0.67 -0.23 1.17
C7 BAP C . 1.06 1.19 1.26
C8 BAP C . 0.37 2.16 0.42
C8A BAP C . -0.65 1.76 -0.50
C9 BAP C . -1.29 2.74 -1.35
C10 BAP C . -2.31 2.33 -2.28
C1A BAP C . -2.66 0.99 -2.36
C3B BAP C . -2.03 0.01 -1.53
C5B BAP C . -1.02 0.39 -0.60
C1' BAP C . 2.52 1.54 1.54
O1' BAP C . 2.54 2.84 2.14
C2' BAP C . 3.29 0.56 2.45
O2' BAP C . 4.67 0.54 2.00
C3' BAP C . 2.74 -0.85 2.63
O3' BAP C . 3.80 -1.83 2.71
C4' BAP C . 1.60 -1.33 1.71
H1 BAP C . -4.11 1.26 -3.89
H2 BAP C . -4.76 -0.93 -4.04
H3 BAP C . -3.88 -2.50 -2.91
H4 BAP C . -2.15 -3.32 -1.01
H5 BAP C . -0.37 -2.70 0.65
H8 BAP C . 0.61 3.13 0.48
H9 BAP C . -1.03 3.72 -1.28
H10 BAP C . -2.83 2.89 -2.93
H1' BAP C . 3.00 1.63 0.57
HO1 BAP C . 2.44 3.49 1.44
H2' BAP C . 3.29 0.96 3.46
HO2 BAP C . 5.00 1.44 1.98
H3' BAP C . 2.28 -0.86 3.62
HO3 BAP C . 3.82 -2.18 3.59
H4'2 BAP C . 1.04 -1.96 2.39
C1 BAP C . -3.69 -0.32 -3.19
C2 BAP C . -3.94 -1.64 -3.18
C3 BAP C . -3.24 -2.48 -2.37
C3A BAP C . -2.23 -1.98 -1.46
C4 BAP C . -1.49 -2.85 -0.57
C5 BAP C . -0.48 -2.29 0.30
C5A BAP C . -0.20 -0.87 0.29
C6 BAP C . 0.83 -0.32 1.17
C7 BAP C . 1.08 1.15 1.12
C8 BAP C . 0.27 1.99 0.20
C8A BAP C . -0.72 1.40 -0.64
C9 BAP C . -1.51 2.23 -1.57
C10 BAP C . -2.50 1.61 -2.42
C1A BAP C . -2.70 0.24 -2.35
C3B BAP C . -1.95 -0.59 -1.46
C5B BAP C . -0.95 -0.01 -0.60
C1' BAP C . 2.44 1.67 1.65
O1' BAP C . 2.31 1.75 3.07
C2' BAP C . 3.55 0.62 1.29
O2' BAP C . 3.53 0.26 -0.12
C3' BAP C . 3.21 -0.55 2.19
O3' BAP C . 4.39 -1.35 2.42
C4' BAP C . 1.97 -1.30 1.65
H1 BAP C . -4.25 0.22 -3.82
H2 BAP C . -4.66 -2.02 -3.76
H3 BAP C . -3.56 -3.39 -2.61
H4 BAP C . -1.68 -3.83 -0.58
H5 BAP C . 0.02 -2.85 0.96
H8 BAP C . 0.37 2.98 0.12
H9 BAP C . -1.36 3.21 -1.61
H10 BAP C . -3.10 2.03 -3.10
H1' BAP C . 2.67 2.69 1.33
HO1 BAP C . 2.67 2.61 3.35
H2' BAP C . 4.59 0.77 1.56
HO2 BAP C . 2.64 0.40 -0.45
H3' BAP C . 2.92 -0.18 3.16
HO3 BAP C . 4.99 -1.17 1.69
H4'2 BAP C . 1.59 -1.90 2.47
C1 BAP C . -3.65 0.31 -3.34
C2 BAP C . -3.92 -1.01 -3.46
C3 BAP C . -3.29 -1.92 -2.69
C3A BAP C . -2.32 -1.53 -1.70
C4 BAP C . -1.66 -2.50 -0.90
C5 BAP C . -0.66 -2.05 0.07
C5A BAP C . -0.33 -0.64 0.22
C6 BAP C . 0.69 -0.19 1.18
C7 BAP C . 0.99 1.26 1.29
C8 BAP C . 0.24 2.18 0.43
C8A BAP C . -0.75 1.70 -0.51
C9 BAP C . -1.46 2.64 -1.38
C10 BAP C . -2.45 2.13 -2.34
C1A BAP C . -2.69 0.78 -2.40
C3B BAP C . -2.01 -0.14 -1.56
C5B BAP C . -1.03 0.31 -0.62
C1' BAP C . 2.41 1.74 1.70
O1' BAP C . 2.29 2.82 2.65
C2' BAP C . 3.38 0.66 2.27
O2' BAP C . 4.45 0.51 1.32
C3' BAP C . 2.71 -0.63 2.69
O3' BAP C . 3.67 -1.63 3.00
C4' BAP C . 1.67 -1.22 1.74
H1 BAP C . -4.16 0.92 -3.95
H2 BAP C . -4.60 -1.34 -4.11
H3 BAP C . -3.63 -2.82 -2.95
H4 BAP C . -1.91 -3.46 -1.03
H5 BAP C . -0.20 -2.72 0.65
H8 BAP C . 0.38 3.16 0.48
H9 BAP C . -1.28 3.63 -1.31
H10 BAP C . -3.00 2.63 -3.00
H1' BAP C . 2.86 2.08 0.77
HO1 BAP C . 1.38 2.85 2.93
H2' BAP C . 3.83 0.92 3.24
HO2 BAP C . 4.54 1.36 0.87
H3' BAP C . 2.21 -0.41 3.65
HO3 BAP C . 3.18 -2.33 3.44
H4'2 BAP C . 1.18 -1.93 2.41
#